data_5KWX
#
_entry.id   5KWX
#
_entity_poly.entity_id   1
_entity_poly.type   'polypeptide(L)'
_entity_poly.pdbx_seq_one_letter_code
;CSYTC(DPR)PQTYTFPTCEEAKKMKKRC
;
_entity_poly.pdbx_strand_id   A
#
# COMPACT_ATOMS: atom_id res chain seq x y z
N CYS A 1 -7.52 -1.46 -0.12
CA CYS A 1 -6.11 -1.57 0.21
C CYS A 1 -5.24 -0.93 -0.84
N SER A 2 -5.15 0.37 -0.77
CA SER A 2 -4.36 1.15 -1.66
C SER A 2 -3.55 2.12 -0.81
N TYR A 3 -2.53 2.66 -1.38
CA TYR A 3 -1.69 3.59 -0.70
C TYR A 3 -1.24 4.63 -1.72
N THR A 4 -0.92 5.79 -1.29
CA THR A 4 -0.42 6.79 -2.19
C THR A 4 0.98 7.23 -1.77
N CYS A 5 1.91 7.06 -2.64
CA CYS A 5 3.27 7.45 -2.38
C CYS A 5 3.58 8.60 -3.33
N DPR A 6 3.48 9.84 -2.86
CA DPR A 6 3.58 11.02 -3.73
CB DPR A 6 3.28 12.18 -2.78
CG DPR A 6 3.63 11.67 -1.43
CD DPR A 6 3.28 10.22 -1.45
C DPR A 6 2.50 10.96 -4.82
O DPR A 6 1.30 10.86 -4.51
HA DPR A 6 4.56 11.12 -4.16
HB2 DPR A 6 2.22 12.40 -2.83
HB3 DPR A 6 3.85 13.05 -3.05
HG2 DPR A 6 3.07 12.19 -0.67
HG3 DPR A 6 4.69 11.80 -1.27
HD2 DPR A 6 2.25 10.08 -1.15
HD3 DPR A 6 3.95 9.67 -0.80
N PRO A 7 2.88 10.97 -6.09
CA PRO A 7 1.94 10.85 -7.20
C PRO A 7 1.70 9.38 -7.62
N GLN A 8 2.29 8.46 -6.88
CA GLN A 8 2.22 7.06 -7.21
C GLN A 8 1.17 6.35 -6.37
N THR A 9 0.19 5.80 -7.00
CA THR A 9 -0.75 4.98 -6.32
C THR A 9 -0.17 3.59 -6.20
N TYR A 10 -0.07 3.16 -5.00
CA TYR A 10 0.52 1.94 -4.65
C TYR A 10 -0.57 0.94 -4.31
N THR A 11 -0.46 -0.24 -4.84
CA THR A 11 -1.41 -1.28 -4.61
C THR A 11 -0.67 -2.49 -4.05
N PHE A 12 -1.34 -3.25 -3.23
CA PHE A 12 -0.75 -4.42 -2.68
C PHE A 12 -1.62 -5.62 -3.06
N PRO A 13 -0.99 -6.70 -3.56
CA PRO A 13 -1.68 -7.93 -4.00
C PRO A 13 -2.71 -8.45 -2.99
N THR A 14 -2.30 -8.67 -1.77
CA THR A 14 -3.17 -9.16 -0.75
C THR A 14 -3.59 -8.06 0.23
N CYS A 15 -4.86 -7.67 0.15
CA CYS A 15 -5.44 -6.62 0.98
C CYS A 15 -5.33 -6.97 2.48
N GLU A 16 -5.37 -8.26 2.78
CA GLU A 16 -5.22 -8.73 4.14
C GLU A 16 -3.85 -8.32 4.69
N GLU A 17 -2.81 -8.71 3.98
CA GLU A 17 -1.44 -8.45 4.37
C GLU A 17 -1.07 -7.01 4.22
N ALA A 18 -1.81 -6.28 3.39
CA ALA A 18 -1.57 -4.86 3.15
C ALA A 18 -1.68 -4.02 4.44
N LYS A 19 -2.26 -4.58 5.47
CA LYS A 19 -2.35 -3.90 6.75
C LYS A 19 -1.08 -4.13 7.57
N LYS A 20 -0.45 -5.25 7.34
CA LYS A 20 0.78 -5.61 8.03
C LYS A 20 1.95 -5.05 7.26
N MET A 21 1.84 -5.09 5.95
CA MET A 21 2.80 -4.50 5.08
C MET A 21 2.47 -3.04 4.91
N LYS A 22 3.08 -2.25 5.73
CA LYS A 22 2.90 -0.85 5.70
C LYS A 22 3.92 -0.25 4.78
N LYS A 23 3.65 0.90 4.30
CA LYS A 23 4.50 1.51 3.33
C LYS A 23 5.21 2.65 3.97
N ARG A 24 6.36 2.97 3.50
CA ARG A 24 7.13 4.03 4.09
C ARG A 24 7.55 5.03 3.03
N CYS A 25 6.77 6.06 2.91
CA CYS A 25 7.05 7.14 2.01
C CYS A 25 6.99 8.44 2.78
N CYS A 1 -7.96 -2.20 -0.74
CA CYS A 1 -6.62 -2.40 -0.24
C CYS A 1 -5.56 -1.87 -1.20
N SER A 2 -5.35 -0.60 -1.11
CA SER A 2 -4.37 0.04 -1.91
C SER A 2 -3.45 0.82 -0.98
N TYR A 3 -2.28 1.08 -1.44
CA TYR A 3 -1.27 1.75 -0.68
C TYR A 3 -0.96 3.06 -1.41
N THR A 4 -0.43 4.02 -0.72
CA THR A 4 -0.13 5.27 -1.35
C THR A 4 1.29 5.70 -0.98
N CYS A 5 2.06 6.01 -1.98
CA CYS A 5 3.40 6.49 -1.80
C CYS A 5 3.50 7.84 -2.52
N DPR A 6 3.26 8.95 -1.78
CA DPR A 6 3.22 10.30 -2.37
CB DPR A 6 2.76 11.17 -1.19
CG DPR A 6 3.23 10.44 0.01
CD DPR A 6 3.03 8.99 -0.32
C DPR A 6 2.19 10.38 -3.51
O DPR A 6 1.01 10.08 -3.32
HA DPR A 6 4.19 10.62 -2.71
HB2 DPR A 6 1.68 11.21 -1.21
HB3 DPR A 6 3.18 12.16 -1.26
HG2 DPR A 6 2.64 10.70 0.87
HG3 DPR A 6 4.28 10.64 0.18
HD2 DPR A 6 2.03 8.67 -0.08
HD3 DPR A 6 3.75 8.39 0.21
N PRO A 7 2.62 10.77 -4.72
CA PRO A 7 1.74 10.86 -5.88
C PRO A 7 1.48 9.48 -6.54
N GLN A 8 2.06 8.45 -6.00
CA GLN A 8 1.92 7.12 -6.54
C GLN A 8 0.92 6.31 -5.73
N THR A 9 -0.23 6.05 -6.31
CA THR A 9 -1.15 5.14 -5.71
C THR A 9 -0.71 3.74 -6.12
N TYR A 10 -0.63 2.88 -5.18
CA TYR A 10 -0.07 1.58 -5.36
C TYR A 10 -1.13 0.54 -5.06
N THR A 11 -1.39 -0.34 -5.97
CA THR A 11 -2.34 -1.39 -5.73
C THR A 11 -1.56 -2.54 -5.12
N PHE A 12 -2.05 -3.09 -4.04
CA PHE A 12 -1.32 -4.12 -3.37
C PHE A 12 -1.96 -5.49 -3.65
N PRO A 13 -1.13 -6.51 -3.92
CA PRO A 13 -1.61 -7.88 -4.19
C PRO A 13 -2.44 -8.47 -3.04
N THR A 14 -1.83 -8.55 -1.89
CA THR A 14 -2.47 -9.08 -0.74
C THR A 14 -3.14 -7.98 0.10
N CYS A 15 -4.45 -7.99 0.09
CA CYS A 15 -5.27 -7.01 0.77
C CYS A 15 -5.03 -7.03 2.27
N GLU A 16 -4.83 -8.20 2.82
CA GLU A 16 -4.64 -8.34 4.25
C GLU A 16 -3.27 -7.77 4.66
N GLU A 17 -2.31 -7.90 3.77
CA GLU A 17 -0.96 -7.42 4.00
C GLU A 17 -0.89 -5.91 3.74
N ALA A 18 -1.75 -5.43 2.86
CA ALA A 18 -1.80 -4.00 2.51
C ALA A 18 -2.11 -3.14 3.73
N LYS A 19 -2.87 -3.69 4.65
CA LYS A 19 -3.26 -3.00 5.89
C LYS A 19 -2.09 -3.06 6.89
N LYS A 20 -1.22 -4.01 6.66
CA LYS A 20 -0.10 -4.32 7.53
C LYS A 20 1.22 -3.71 6.98
N MET A 21 1.20 -3.32 5.74
CA MET A 21 2.34 -2.74 5.09
C MET A 21 2.56 -1.34 5.62
N LYS A 22 3.67 -1.18 6.27
CA LYS A 22 4.04 0.08 6.84
C LYS A 22 4.57 1.01 5.78
N LYS A 23 4.26 2.27 5.92
CA LYS A 23 4.54 3.25 4.90
C LYS A 23 6.01 3.62 4.77
N ARG A 24 6.61 3.07 3.76
CA ARG A 24 7.95 3.37 3.38
C ARG A 24 7.89 4.05 2.04
N CYS A 25 8.21 5.30 2.01
CA CYS A 25 8.11 6.04 0.81
C CYS A 25 9.23 7.05 0.78
N CYS A 1 -7.96 -2.32 -0.47
CA CYS A 1 -6.62 -2.13 0.05
C CYS A 1 -5.74 -1.36 -0.93
N SER A 2 -5.70 -0.06 -0.76
CA SER A 2 -4.88 0.81 -1.58
C SER A 2 -3.77 1.38 -0.71
N TYR A 3 -2.69 1.73 -1.32
CA TYR A 3 -1.60 2.35 -0.63
C TYR A 3 -1.20 3.56 -1.45
N THR A 4 -0.54 4.50 -0.88
CA THR A 4 -0.12 5.65 -1.63
C THR A 4 1.37 5.89 -1.40
N CYS A 5 2.09 6.00 -2.46
CA CYS A 5 3.49 6.28 -2.41
C CYS A 5 3.73 7.51 -3.26
N DPR A 6 3.93 8.67 -2.62
CA DPR A 6 4.07 9.94 -3.32
CB DPR A 6 4.22 10.96 -2.18
CG DPR A 6 4.71 10.17 -1.03
CD DPR A 6 4.05 8.84 -1.16
C DPR A 6 2.80 10.25 -4.14
O DPR A 6 1.69 10.23 -3.59
HA DPR A 6 4.94 9.96 -3.96
HB2 DPR A 6 3.25 11.38 -1.97
HB3 DPR A 6 4.91 11.74 -2.46
HG2 DPR A 6 4.43 10.65 -0.11
HG3 DPR A 6 5.78 10.06 -1.09
HD2 DPR A 6 3.08 8.85 -0.70
HD3 DPR A 6 4.68 8.07 -0.72
N PRO A 7 2.95 10.49 -5.44
CA PRO A 7 1.81 10.77 -6.31
C PRO A 7 1.16 9.48 -6.85
N GLN A 8 1.68 8.34 -6.44
CA GLN A 8 1.20 7.09 -6.95
C GLN A 8 0.31 6.38 -5.96
N THR A 9 -0.91 6.17 -6.33
CA THR A 9 -1.76 5.32 -5.58
C THR A 9 -1.41 3.91 -5.99
N TYR A 10 -0.78 3.25 -5.10
CA TYR A 10 -0.22 1.98 -5.31
C TYR A 10 -1.22 0.90 -4.97
N THR A 11 -1.35 -0.03 -5.86
CA THR A 11 -2.20 -1.17 -5.64
C THR A 11 -1.36 -2.20 -4.95
N PHE A 12 -1.72 -2.56 -3.78
CA PHE A 12 -0.94 -3.49 -3.06
C PHE A 12 -1.40 -4.88 -3.45
N PRO A 13 -0.45 -5.78 -3.78
CA PRO A 13 -0.73 -7.15 -4.21
C PRO A 13 -1.68 -7.89 -3.28
N THR A 14 -1.36 -7.89 -2.02
CA THR A 14 -2.13 -8.55 -1.04
C THR A 14 -2.86 -7.57 -0.16
N CYS A 15 -4.16 -7.71 -0.07
CA CYS A 15 -4.98 -6.85 0.75
C CYS A 15 -4.67 -7.18 2.22
N GLU A 16 -4.33 -8.44 2.46
CA GLU A 16 -3.94 -8.94 3.76
C GLU A 16 -2.75 -8.13 4.29
N GLU A 17 -1.68 -8.15 3.53
CA GLU A 17 -0.45 -7.52 3.92
C GLU A 17 -0.54 -6.00 3.78
N ALA A 18 -1.42 -5.49 2.92
CA ALA A 18 -1.58 -4.03 2.73
C ALA A 18 -1.97 -3.33 4.03
N LYS A 19 -2.74 -4.02 4.85
CA LYS A 19 -3.20 -3.48 6.12
C LYS A 19 -2.15 -3.68 7.21
N LYS A 20 -1.16 -4.48 6.88
CA LYS A 20 -0.07 -4.82 7.78
C LYS A 20 1.14 -3.93 7.46
N MET A 21 1.24 -3.60 6.19
CA MET A 21 2.26 -2.75 5.64
C MET A 21 2.10 -1.36 6.15
N LYS A 22 3.13 -0.88 6.75
CA LYS A 22 3.17 0.47 7.22
C LYS A 22 3.64 1.37 6.10
N LYS A 23 3.62 2.65 6.31
CA LYS A 23 4.03 3.58 5.30
C LYS A 23 5.54 3.63 5.23
N ARG A 24 6.06 2.94 4.28
CA ARG A 24 7.46 2.80 4.07
C ARG A 24 7.68 2.61 2.58
N CYS A 25 7.91 3.67 1.88
CA CYS A 25 8.07 3.60 0.45
C CYS A 25 9.05 4.65 0.00
N CYS A 1 -6.29 -1.95 -0.08
CA CYS A 1 -4.99 -1.50 0.42
C CYS A 1 -4.20 -0.77 -0.67
N SER A 2 -4.41 0.53 -0.74
CA SER A 2 -3.71 1.38 -1.64
C SER A 2 -3.18 2.56 -0.84
N TYR A 3 -2.08 3.08 -1.25
CA TYR A 3 -1.52 4.24 -0.62
C TYR A 3 -0.91 5.10 -1.69
N THR A 4 -0.66 6.32 -1.41
CA THR A 4 -0.09 7.16 -2.41
C THR A 4 1.37 7.45 -2.11
N CYS A 5 2.22 7.00 -2.98
CA CYS A 5 3.63 7.23 -2.88
C CYS A 5 3.97 8.35 -3.83
N DPR A 6 4.25 9.54 -3.30
CA DPR A 6 4.43 10.74 -4.12
CB DPR A 6 4.73 11.83 -3.08
CG DPR A 6 5.20 11.09 -1.89
CD DPR A 6 4.43 9.82 -1.87
C DPR A 6 3.12 11.03 -4.83
O DPR A 6 2.08 11.16 -4.18
HA DPR A 6 5.24 10.63 -4.82
HB2 DPR A 6 3.82 12.35 -2.87
HB3 DPR A 6 5.49 12.51 -3.46
HG2 DPR A 6 5.01 11.65 -0.99
HG3 DPR A 6 6.25 10.88 -1.97
HD2 DPR A 6 3.48 9.95 -1.37
HD3 DPR A 6 5.01 9.05 -1.38
N PRO A 7 3.13 11.14 -6.16
CA PRO A 7 1.92 11.31 -6.93
C PRO A 7 1.37 9.97 -7.45
N GLN A 8 2.03 8.89 -7.09
CA GLN A 8 1.72 7.57 -7.60
C GLN A 8 0.93 6.76 -6.61
N THR A 9 -0.21 6.30 -7.02
CA THR A 9 -1.00 5.45 -6.19
C THR A 9 -0.49 4.04 -6.30
N TYR A 10 -0.24 3.44 -5.21
CA TYR A 10 0.29 2.13 -5.13
C TYR A 10 -0.76 1.22 -4.51
N THR A 11 -0.96 0.07 -5.05
CA THR A 11 -1.89 -0.89 -4.50
C THR A 11 -1.16 -2.18 -4.21
N PHE A 12 -1.33 -2.68 -3.01
CA PHE A 12 -0.67 -3.87 -2.60
C PHE A 12 -1.61 -5.04 -2.88
N PRO A 13 -1.11 -6.09 -3.55
CA PRO A 13 -1.91 -7.26 -3.95
C PRO A 13 -2.62 -7.90 -2.76
N THR A 14 -1.86 -8.28 -1.78
CA THR A 14 -2.38 -8.88 -0.62
C THR A 14 -2.76 -7.83 0.41
N CYS A 15 -4.00 -7.40 0.38
CA CYS A 15 -4.49 -6.40 1.31
C CYS A 15 -4.51 -7.01 2.71
N GLU A 16 -4.74 -8.32 2.75
CA GLU A 16 -4.73 -9.12 3.96
C GLU A 16 -3.39 -8.93 4.67
N GLU A 17 -2.37 -8.89 3.86
CA GLU A 17 -1.03 -8.75 4.33
C GLU A 17 -0.70 -7.28 4.57
N ALA A 18 -1.13 -6.40 3.66
CA ALA A 18 -0.86 -4.96 3.73
C ALA A 18 -1.52 -4.27 4.93
N LYS A 19 -2.49 -4.92 5.55
CA LYS A 19 -3.10 -4.39 6.76
C LYS A 19 -2.18 -4.59 7.97
N LYS A 20 -1.11 -5.34 7.76
CA LYS A 20 -0.09 -5.58 8.74
C LYS A 20 1.25 -5.06 8.19
N MET A 21 1.50 -5.36 6.94
CA MET A 21 2.69 -4.91 6.22
C MET A 21 2.48 -3.46 5.79
N LYS A 22 3.08 -2.55 6.51
CA LYS A 22 2.91 -1.14 6.25
C LYS A 22 3.77 -0.70 5.07
N LYS A 23 3.12 -0.33 4.02
CA LYS A 23 3.76 0.22 2.86
C LYS A 23 3.45 1.69 2.76
N ARG A 24 4.47 2.50 2.93
CA ARG A 24 4.36 3.94 2.86
C ARG A 24 5.72 4.51 2.54
N CYS A 25 5.76 5.56 1.76
CA CYS A 25 7.00 6.17 1.38
C CYS A 25 7.32 7.33 2.32
N CYS A 1 -6.83 -2.29 -0.83
CA CYS A 1 -5.78 -1.70 -0.03
C CYS A 1 -4.75 -0.98 -0.89
N SER A 2 -4.84 0.33 -0.94
CA SER A 2 -3.90 1.11 -1.69
C SER A 2 -3.30 2.20 -0.81
N TYR A 3 -2.06 2.45 -1.02
CA TYR A 3 -1.30 3.44 -0.33
C TYR A 3 -0.92 4.52 -1.33
N THR A 4 -0.69 5.71 -0.88
CA THR A 4 -0.31 6.75 -1.77
C THR A 4 1.12 7.15 -1.52
N CYS A 5 1.93 6.95 -2.51
CA CYS A 5 3.33 7.27 -2.45
C CYS A 5 3.57 8.38 -3.45
N DPR A 6 3.56 9.65 -2.99
CA DPR A 6 3.61 10.81 -3.89
CB DPR A 6 3.46 11.99 -2.94
CG DPR A 6 3.96 11.49 -1.64
CD DPR A 6 3.53 10.06 -1.57
C DPR A 6 2.41 10.77 -4.84
O DPR A 6 1.26 10.72 -4.40
HA DPR A 6 4.54 10.86 -4.44
HB2 DPR A 6 2.42 12.24 -2.87
HB3 DPR A 6 4.03 12.84 -3.28
HG2 DPR A 6 3.51 12.06 -0.83
HG3 DPR A 6 5.04 11.57 -1.60
HD2 DPR A 6 2.53 9.97 -1.16
HD3 DPR A 6 4.23 9.49 -0.98
N PRO A 7 2.66 10.74 -6.15
CA PRO A 7 1.59 10.64 -7.13
C PRO A 7 1.24 9.17 -7.45
N GLN A 8 2.05 8.26 -6.94
CA GLN A 8 1.90 6.86 -7.24
C GLN A 8 0.98 6.18 -6.26
N THR A 9 -0.09 5.64 -6.77
CA THR A 9 -0.97 4.87 -5.96
C THR A 9 -0.42 3.46 -5.89
N TYR A 10 0.08 3.16 -4.74
CA TYR A 10 0.74 1.94 -4.49
C TYR A 10 -0.25 0.93 -3.99
N THR A 11 -0.64 0.04 -4.82
CA THR A 11 -1.61 -0.93 -4.46
C THR A 11 -0.90 -2.20 -4.07
N PHE A 12 -1.16 -2.65 -2.89
CA PHE A 12 -0.56 -3.83 -2.39
C PHE A 12 -1.45 -4.98 -2.84
N PRO A 13 -0.87 -6.04 -3.45
CA PRO A 13 -1.65 -7.15 -4.02
C PRO A 13 -2.62 -7.78 -3.03
N THR A 14 -2.12 -8.08 -1.87
CA THR A 14 -2.89 -8.71 -0.86
C THR A 14 -3.30 -7.71 0.22
N CYS A 15 -4.57 -7.36 0.22
CA CYS A 15 -5.12 -6.39 1.15
C CYS A 15 -5.12 -6.94 2.58
N GLU A 16 -5.00 -8.26 2.69
CA GLU A 16 -4.87 -8.93 3.98
C GLU A 16 -3.58 -8.45 4.62
N GLU A 17 -2.51 -8.66 3.89
CA GLU A 17 -1.18 -8.36 4.34
C GLU A 17 -0.93 -6.87 4.31
N ALA A 18 -1.61 -6.16 3.45
CA ALA A 18 -1.47 -4.71 3.33
C ALA A 18 -1.81 -3.97 4.64
N LYS A 19 -2.64 -4.59 5.47
CA LYS A 19 -3.00 -4.00 6.74
C LYS A 19 -1.98 -4.39 7.82
N LYS A 20 -1.04 -5.22 7.46
CA LYS A 20 0.00 -5.66 8.36
C LYS A 20 1.34 -5.08 7.89
N MET A 21 1.49 -5.01 6.60
CA MET A 21 2.67 -4.51 5.95
C MET A 21 2.28 -3.37 5.01
N LYS A 22 2.74 -2.19 5.30
CA LYS A 22 2.48 -1.06 4.45
C LYS A 22 3.79 -0.41 4.05
N LYS A 23 3.77 0.33 2.98
CA LYS A 23 4.94 1.02 2.50
C LYS A 23 4.99 2.38 3.18
N ARG A 24 6.17 2.91 3.38
CA ARG A 24 6.32 4.18 4.02
C ARG A 24 7.18 5.08 3.14
N CYS A 25 6.56 5.97 2.44
CA CYS A 25 7.28 6.89 1.62
C CYS A 25 7.44 8.18 2.38
N CYS A 1 -7.84 -2.47 -0.77
CA CYS A 1 -6.59 -1.95 -0.20
C CYS A 1 -5.78 -1.21 -1.23
N SER A 2 -5.81 0.08 -1.17
CA SER A 2 -5.00 0.89 -2.01
C SER A 2 -3.99 1.59 -1.12
N TYR A 3 -2.79 1.66 -1.56
CA TYR A 3 -1.71 2.24 -0.83
C TYR A 3 -1.21 3.46 -1.57
N THR A 4 -0.75 4.43 -0.87
CA THR A 4 -0.22 5.60 -1.51
C THR A 4 1.27 5.66 -1.30
N CYS A 5 2.00 5.68 -2.37
CA CYS A 5 3.42 5.75 -2.29
C CYS A 5 3.85 7.02 -3.01
N DPR A 6 4.14 8.08 -2.25
CA DPR A 6 4.44 9.39 -2.82
CB DPR A 6 4.63 10.27 -1.58
CG DPR A 6 5.02 9.33 -0.50
CD DPR A 6 4.22 8.10 -0.77
C DPR A 6 3.23 9.88 -3.62
O DPR A 6 2.12 9.91 -3.10
HA DPR A 6 5.33 9.37 -3.43
HB2 DPR A 6 3.69 10.75 -1.35
HB3 DPR A 6 5.39 11.02 -1.76
HG2 DPR A 6 4.77 9.74 0.46
HG3 DPR A 6 6.08 9.12 -0.56
HD2 DPR A 6 3.24 8.17 -0.33
HD3 DPR A 6 4.76 7.24 -0.39
N PRO A 7 3.42 10.22 -4.89
CA PRO A 7 2.33 10.65 -5.75
C PRO A 7 1.72 9.48 -6.55
N GLN A 8 2.08 8.27 -6.18
CA GLN A 8 1.65 7.11 -6.90
C GLN A 8 0.72 6.26 -6.05
N THR A 9 -0.36 5.84 -6.63
CA THR A 9 -1.27 4.97 -5.95
C THR A 9 -0.91 3.54 -6.31
N TYR A 10 -0.63 2.79 -5.30
CA TYR A 10 -0.21 1.46 -5.46
C TYR A 10 -1.31 0.57 -4.98
N THR A 11 -1.80 -0.27 -5.83
CA THR A 11 -2.78 -1.21 -5.41
C THR A 11 -2.02 -2.43 -4.95
N PHE A 12 -2.03 -2.64 -3.67
CA PHE A 12 -1.28 -3.69 -3.08
C PHE A 12 -1.98 -5.01 -3.39
N PRO A 13 -1.25 -6.00 -3.96
CA PRO A 13 -1.80 -7.28 -4.37
C PRO A 13 -2.59 -7.95 -3.25
N THR A 14 -1.93 -8.17 -2.15
CA THR A 14 -2.54 -8.77 -1.03
C THR A 14 -3.04 -7.73 -0.03
N CYS A 15 -4.34 -7.56 -0.02
CA CYS A 15 -5.02 -6.58 0.82
C CYS A 15 -4.82 -6.90 2.32
N GLU A 16 -4.57 -8.16 2.63
CA GLU A 16 -4.27 -8.52 4.00
C GLU A 16 -2.89 -8.02 4.39
N GLU A 17 -1.93 -8.20 3.51
CA GLU A 17 -0.56 -7.74 3.76
C GLU A 17 -0.46 -6.24 3.68
N ALA A 18 -1.40 -5.61 2.99
CA ALA A 18 -1.46 -4.16 2.91
C ALA A 18 -1.71 -3.55 4.30
N LYS A 19 -2.31 -4.34 5.18
CA LYS A 19 -2.55 -3.92 6.54
C LYS A 19 -1.32 -4.19 7.41
N LYS A 20 -0.39 -4.95 6.87
CA LYS A 20 0.86 -5.21 7.55
C LYS A 20 1.88 -4.18 7.05
N MET A 21 1.72 -3.81 5.80
CA MET A 21 2.53 -2.84 5.11
C MET A 21 2.42 -1.46 5.75
N LYS A 22 3.52 -1.03 6.30
CA LYS A 22 3.67 0.27 6.89
C LYS A 22 3.68 1.32 5.76
N LYS A 23 3.31 2.52 6.06
CA LYS A 23 3.36 3.55 5.06
C LYS A 23 4.62 4.37 5.16
N ARG A 24 5.54 4.09 4.28
CA ARG A 24 6.80 4.78 4.22
C ARG A 24 7.51 4.45 2.92
N CYS A 25 7.59 5.41 2.06
CA CYS A 25 8.27 5.27 0.80
C CYS A 25 9.49 6.15 0.83
N CYS A 1 -8.01 -2.91 -2.71
CA CYS A 1 -7.34 -2.06 -1.75
C CYS A 1 -6.13 -1.40 -2.40
N SER A 2 -6.15 -0.10 -2.51
CA SER A 2 -5.06 0.60 -3.12
C SER A 2 -4.51 1.59 -2.12
N TYR A 3 -3.31 2.03 -2.36
CA TYR A 3 -2.64 2.95 -1.50
C TYR A 3 -2.00 4.03 -2.35
N THR A 4 -1.72 5.14 -1.78
CA THR A 4 -1.03 6.18 -2.48
C THR A 4 0.17 6.63 -1.65
N CYS A 5 1.33 6.50 -2.23
CA CYS A 5 2.57 6.88 -1.62
C CYS A 5 3.04 8.14 -2.29
N DPR A 6 2.84 9.30 -1.64
CA DPR A 6 3.12 10.58 -2.26
CB DPR A 6 2.68 11.60 -1.20
CG DPR A 6 2.77 10.85 0.07
CD DPR A 6 2.39 9.45 -0.25
C DPR A 6 2.25 10.74 -3.52
O DPR A 6 1.03 10.58 -3.45
HA DPR A 6 4.16 10.71 -2.51
HB2 DPR A 6 1.65 11.89 -1.40
HB3 DPR A 6 3.32 12.46 -1.22
HG2 DPR A 6 2.07 11.27 0.79
HG3 DPR A 6 3.78 10.90 0.46
HD2 DPR A 6 1.32 9.31 -0.17
HD3 DPR A 6 2.91 8.77 0.41
N PRO A 7 2.86 11.00 -4.67
CA PRO A 7 2.14 11.09 -5.94
C PRO A 7 2.11 9.74 -6.67
N GLN A 8 2.60 8.71 -6.03
CA GLN A 8 2.71 7.42 -6.63
C GLN A 8 1.58 6.53 -6.16
N THR A 9 0.89 5.91 -7.07
CA THR A 9 -0.15 5.00 -6.70
C THR A 9 0.49 3.66 -6.41
N TYR A 10 0.08 3.05 -5.35
CA TYR A 10 0.63 1.83 -4.91
C TYR A 10 -0.48 0.82 -4.78
N THR A 11 -0.52 -0.09 -5.69
CA THR A 11 -1.52 -1.11 -5.69
C THR A 11 -1.03 -2.31 -4.88
N PHE A 12 -1.88 -2.85 -4.02
CA PHE A 12 -1.44 -3.93 -3.17
C PHE A 12 -2.28 -5.18 -3.41
N PRO A 13 -1.64 -6.32 -3.64
CA PRO A 13 -2.35 -7.59 -3.88
C PRO A 13 -3.07 -8.18 -2.63
N THR A 14 -2.37 -8.25 -1.51
CA THR A 14 -2.88 -8.85 -0.32
C THR A 14 -3.38 -7.78 0.66
N CYS A 15 -4.68 -7.56 0.66
CA CYS A 15 -5.29 -6.48 1.44
C CYS A 15 -5.19 -6.74 2.96
N GLU A 16 -5.15 -7.99 3.35
CA GLU A 16 -4.99 -8.31 4.75
C GLU A 16 -3.56 -8.00 5.17
N GLU A 17 -2.63 -8.31 4.27
CA GLU A 17 -1.22 -8.08 4.52
C GLU A 17 -0.88 -6.60 4.38
N ALA A 18 -1.74 -5.87 3.68
CA ALA A 18 -1.57 -4.42 3.47
C ALA A 18 -1.49 -3.65 4.79
N LYS A 19 -2.11 -4.16 5.82
CA LYS A 19 -2.11 -3.49 7.11
C LYS A 19 -0.91 -3.94 7.96
N LYS A 20 -0.21 -4.90 7.45
CA LYS A 20 0.97 -5.47 8.05
C LYS A 20 2.19 -4.87 7.37
N MET A 21 2.05 -4.65 6.09
CA MET A 21 3.07 -4.07 5.27
C MET A 21 3.11 -2.58 5.50
N LYS A 22 3.97 -2.17 6.40
CA LYS A 22 4.18 -0.78 6.73
C LYS A 22 4.71 -0.03 5.52
N LYS A 23 4.40 1.24 5.47
CA LYS A 23 4.66 2.01 4.27
C LYS A 23 6.08 2.50 4.21
N ARG A 24 6.49 2.84 3.04
CA ARG A 24 7.81 3.35 2.81
C ARG A 24 7.73 4.50 1.81
N CYS A 25 7.51 5.66 2.32
CA CYS A 25 7.42 6.86 1.54
C CYS A 25 8.46 7.83 2.02
N CYS A 1 -7.88 -3.00 -2.37
CA CYS A 1 -7.10 -2.30 -1.34
C CYS A 1 -5.96 -1.55 -1.99
N SER A 2 -6.03 -0.26 -1.88
CA SER A 2 -5.08 0.61 -2.49
C SER A 2 -4.05 1.07 -1.46
N TYR A 3 -3.04 1.69 -1.95
CA TYR A 3 -1.96 2.22 -1.20
C TYR A 3 -1.50 3.46 -1.93
N THR A 4 -0.81 4.33 -1.30
CA THR A 4 -0.29 5.50 -1.95
C THR A 4 1.10 5.77 -1.45
N CYS A 5 2.03 5.80 -2.36
CA CYS A 5 3.39 6.06 -2.03
C CYS A 5 3.75 7.40 -2.63
N DPR A 6 3.87 8.44 -1.81
CA DPR A 6 4.08 9.81 -2.30
CB DPR A 6 4.08 10.64 -1.02
CG DPR A 6 4.43 9.69 0.06
CD DPR A 6 3.81 8.39 -0.33
C DPR A 6 2.90 10.22 -3.20
O DPR A 6 1.75 10.17 -2.76
HA DPR A 6 5.02 9.91 -2.83
HB2 DPR A 6 3.08 11.04 -0.88
HB3 DPR A 6 4.80 11.45 -1.10
HG2 DPR A 6 4.02 10.04 1.00
HG3 DPR A 6 5.50 9.59 0.13
HD2 DPR A 6 2.78 8.34 0.01
HD3 DPR A 6 4.39 7.57 0.06
N PRO A 7 3.16 10.58 -4.46
CA PRO A 7 2.11 10.95 -5.41
C PRO A 7 1.63 9.75 -6.23
N GLN A 8 2.16 8.58 -5.91
CA GLN A 8 1.90 7.39 -6.68
C GLN A 8 0.85 6.52 -6.02
N THR A 9 -0.28 6.40 -6.66
CA THR A 9 -1.31 5.52 -6.20
C THR A 9 -0.91 4.10 -6.56
N TYR A 10 -1.05 3.21 -5.63
CA TYR A 10 -0.55 1.89 -5.78
C TYR A 10 -1.65 0.90 -5.44
N THR A 11 -1.66 -0.20 -6.12
CA THR A 11 -2.60 -1.24 -5.82
C THR A 11 -1.85 -2.31 -5.08
N PHE A 12 -2.17 -2.51 -3.85
CA PHE A 12 -1.45 -3.45 -3.07
C PHE A 12 -2.04 -4.83 -3.30
N PRO A 13 -1.21 -5.77 -3.78
CA PRO A 13 -1.66 -7.12 -4.15
C PRO A 13 -2.27 -7.88 -2.98
N THR A 14 -1.60 -7.88 -1.87
CA THR A 14 -2.04 -8.57 -0.71
C THR A 14 -2.65 -7.60 0.30
N CYS A 15 -3.97 -7.52 0.34
CA CYS A 15 -4.65 -6.60 1.23
C CYS A 15 -4.41 -6.95 2.69
N GLU A 16 -4.19 -8.23 2.97
CA GLU A 16 -3.93 -8.66 4.33
C GLU A 16 -2.58 -8.16 4.80
N GLU A 17 -1.64 -8.08 3.86
CA GLU A 17 -0.33 -7.56 4.17
C GLU A 17 -0.33 -6.04 4.12
N ALA A 18 -1.26 -5.47 3.37
CA ALA A 18 -1.43 -4.01 3.29
C ALA A 18 -1.84 -3.46 4.65
N LYS A 19 -2.53 -4.28 5.42
CA LYS A 19 -2.95 -3.93 6.75
C LYS A 19 -1.82 -4.10 7.76
N LYS A 20 -0.73 -4.64 7.30
CA LYS A 20 0.45 -4.87 8.12
C LYS A 20 1.54 -3.88 7.74
N MET A 21 1.76 -3.75 6.46
CA MET A 21 2.74 -2.88 5.88
C MET A 21 2.33 -1.45 6.08
N LYS A 22 3.25 -0.68 6.55
CA LYS A 22 3.05 0.74 6.76
C LYS A 22 3.41 1.50 5.48
N LYS A 23 3.51 2.81 5.55
CA LYS A 23 3.90 3.59 4.40
C LYS A 23 5.40 3.51 4.20
N ARG A 24 5.79 2.46 3.52
CA ARG A 24 7.17 2.20 3.24
C ARG A 24 7.56 2.88 1.96
N CYS A 25 7.96 4.11 2.08
CA CYS A 25 8.41 4.90 0.97
C CYS A 25 9.68 5.59 1.37
N CYS A 1 -7.36 -2.13 -0.27
CA CYS A 1 -6.03 -1.75 0.19
C CYS A 1 -5.28 -0.92 -0.85
N SER A 2 -5.34 0.38 -0.70
CA SER A 2 -4.66 1.30 -1.57
C SER A 2 -3.72 2.15 -0.72
N TYR A 3 -2.76 2.72 -1.35
CA TYR A 3 -1.79 3.56 -0.72
C TYR A 3 -1.34 4.60 -1.74
N THR A 4 -0.74 5.66 -1.30
CA THR A 4 -0.28 6.66 -2.20
C THR A 4 1.18 6.97 -1.91
N CYS A 5 2.03 6.70 -2.86
CA CYS A 5 3.43 6.95 -2.74
C CYS A 5 3.75 8.14 -3.65
N DPR A 6 3.81 9.36 -3.07
CA DPR A 6 3.99 10.60 -3.83
CB DPR A 6 3.84 11.68 -2.77
CG DPR A 6 4.25 11.03 -1.50
CD DPR A 6 3.75 9.63 -1.62
C DPR A 6 2.86 10.75 -4.87
O DPR A 6 1.68 10.69 -4.54
HA DPR A 6 4.96 10.65 -4.30
HB2 DPR A 6 2.81 11.99 -2.72
HB3 DPR A 6 4.48 12.53 -3.00
HG2 DPR A 6 3.78 11.53 -0.66
HG3 DPR A 6 5.32 11.05 -1.41
HD2 DPR A 6 2.73 9.55 -1.26
HD3 DPR A 6 4.40 8.97 -1.06
N PRO A 7 3.21 10.89 -6.16
CA PRO A 7 2.22 11.03 -7.23
C PRO A 7 1.76 9.66 -7.78
N GLN A 8 2.16 8.60 -7.11
CA GLN A 8 1.88 7.26 -7.58
C GLN A 8 0.96 6.52 -6.63
N THR A 9 -0.20 6.14 -7.12
CA THR A 9 -1.12 5.36 -6.34
C THR A 9 -0.63 3.92 -6.31
N TYR A 10 -0.41 3.44 -5.14
CA TYR A 10 0.17 2.18 -4.94
C TYR A 10 -0.90 1.21 -4.47
N THR A 11 -1.24 0.30 -5.31
CA THR A 11 -2.19 -0.69 -4.95
C THR A 11 -1.44 -1.94 -4.52
N PHE A 12 -1.76 -2.44 -3.36
CA PHE A 12 -1.05 -3.57 -2.81
C PHE A 12 -1.75 -4.86 -3.27
N PRO A 13 -0.99 -5.85 -3.76
CA PRO A 13 -1.54 -7.13 -4.23
C PRO A 13 -2.27 -7.91 -3.12
N THR A 14 -1.62 -8.11 -2.02
CA THR A 14 -2.18 -8.79 -0.90
C THR A 14 -2.80 -7.79 0.07
N CYS A 15 -4.10 -7.67 0.04
CA CYS A 15 -4.80 -6.71 0.87
C CYS A 15 -4.67 -7.07 2.35
N GLU A 16 -4.71 -8.36 2.67
CA GLU A 16 -4.59 -8.78 4.05
C GLU A 16 -3.18 -8.56 4.57
N GLU A 17 -2.19 -8.61 3.68
CA GLU A 17 -0.83 -8.34 4.07
C GLU A 17 -0.59 -6.86 4.18
N ALA A 18 -1.25 -6.09 3.31
CA ALA A 18 -1.13 -4.63 3.28
C ALA A 18 -1.52 -4.02 4.61
N LYS A 19 -2.42 -4.69 5.29
CA LYS A 19 -2.91 -4.27 6.59
C LYS A 19 -1.87 -4.50 7.68
N LYS A 20 -1.03 -5.50 7.48
CA LYS A 20 -0.02 -5.87 8.44
C LYS A 20 1.30 -5.18 8.12
N MET A 21 1.60 -5.11 6.85
CA MET A 21 2.79 -4.48 6.35
C MET A 21 2.66 -2.98 6.48
N LYS A 22 3.54 -2.42 7.25
CA LYS A 22 3.59 -0.98 7.41
C LYS A 22 3.98 -0.33 6.08
N LYS A 23 3.31 0.74 5.77
CA LYS A 23 3.42 1.37 4.47
C LYS A 23 4.42 2.52 4.56
N ARG A 24 5.29 2.66 3.58
CA ARG A 24 6.29 3.74 3.59
C ARG A 24 6.65 4.17 2.17
N CYS A 25 6.93 5.43 1.99
CA CYS A 25 7.30 5.99 0.72
C CYS A 25 8.30 7.10 0.97
N CYS A 1 -6.83 -3.21 -2.90
CA CYS A 1 -6.47 -2.27 -1.87
C CYS A 1 -5.23 -1.50 -2.26
N SER A 2 -5.40 -0.21 -2.40
CA SER A 2 -4.35 0.64 -2.87
C SER A 2 -3.82 1.53 -1.74
N TYR A 3 -2.77 2.23 -2.04
CA TYR A 3 -2.13 3.16 -1.15
C TYR A 3 -1.61 4.29 -2.03
N THR A 4 -1.31 5.41 -1.48
CA THR A 4 -0.79 6.47 -2.28
C THR A 4 0.43 7.11 -1.60
N CYS A 5 1.53 7.12 -2.31
CA CYS A 5 2.76 7.71 -1.84
C CYS A 5 2.93 9.03 -2.58
N DPR A 6 2.58 10.15 -1.93
CA DPR A 6 2.54 11.47 -2.59
CB DPR A 6 1.97 12.38 -1.50
CG DPR A 6 2.34 11.71 -0.22
CD DPR A 6 2.23 10.24 -0.50
C DPR A 6 1.59 11.44 -3.80
O DPR A 6 0.38 11.18 -3.64
HA DPR A 6 3.53 11.80 -2.89
HB2 DPR A 6 0.90 12.43 -1.61
HB3 DPR A 6 2.40 13.37 -1.57
HG2 DPR A 6 1.66 12.00 0.56
HG3 DPR A 6 3.35 11.97 0.05
HD2 DPR A 6 1.22 9.89 -0.32
HD3 DPR A 6 2.93 9.71 0.11
N PRO A 7 2.09 11.67 -5.02
CA PRO A 7 1.29 11.59 -6.23
C PRO A 7 1.32 10.19 -6.86
N GLN A 8 2.14 9.32 -6.31
CA GLN A 8 2.33 7.98 -6.82
C GLN A 8 1.32 7.02 -6.25
N THR A 9 0.46 6.52 -7.09
CA THR A 9 -0.48 5.52 -6.69
C THR A 9 0.27 4.21 -6.48
N TYR A 10 0.04 3.61 -5.36
CA TYR A 10 0.70 2.44 -4.95
C TYR A 10 -0.35 1.37 -4.72
N THR A 11 0.01 0.14 -4.83
CA THR A 11 -0.93 -0.93 -4.67
C THR A 11 -0.28 -2.04 -3.87
N PHE A 12 -1.05 -2.73 -3.07
CA PHE A 12 -0.52 -3.80 -2.29
C PHE A 12 -1.14 -5.11 -2.81
N PRO A 13 -0.36 -6.20 -2.91
CA PRO A 13 -0.87 -7.49 -3.39
C PRO A 13 -1.97 -8.09 -2.48
N THR A 14 -1.64 -8.33 -1.25
CA THR A 14 -2.55 -8.93 -0.32
C THR A 14 -3.16 -7.87 0.62
N CYS A 15 -4.40 -7.52 0.36
CA CYS A 15 -5.10 -6.48 1.10
C CYS A 15 -5.13 -6.73 2.63
N GLU A 16 -5.31 -7.97 3.05
CA GLU A 16 -5.37 -8.29 4.47
C GLU A 16 -4.00 -8.08 5.13
N GLU A 17 -2.98 -8.21 4.33
CA GLU A 17 -1.62 -8.08 4.77
C GLU A 17 -1.22 -6.60 4.72
N ALA A 18 -1.90 -5.85 3.85
CA ALA A 18 -1.66 -4.40 3.69
C ALA A 18 -1.87 -3.65 4.99
N LYS A 19 -2.81 -4.10 5.79
CA LYS A 19 -3.11 -3.44 7.07
C LYS A 19 -2.08 -3.80 8.14
N LYS A 20 -1.18 -4.69 7.81
CA LYS A 20 -0.10 -5.05 8.69
C LYS A 20 1.21 -4.48 8.18
N MET A 21 1.50 -4.73 6.93
CA MET A 21 2.75 -4.39 6.33
C MET A 21 2.97 -2.90 6.20
N LYS A 22 4.15 -2.51 6.61
CA LYS A 22 4.63 -1.16 6.55
C LYS A 22 4.71 -0.71 5.09
N LYS A 23 4.35 0.52 4.84
CA LYS A 23 4.28 1.01 3.49
C LYS A 23 5.64 1.52 3.03
N ARG A 24 5.99 1.18 1.82
CA ARG A 24 7.24 1.59 1.25
C ARG A 24 7.07 2.87 0.46
N CYS A 25 7.21 3.97 1.15
CA CYS A 25 7.11 5.27 0.56
C CYS A 25 8.33 6.06 0.97
N CYS A 1 -7.71 -2.40 -2.06
CA CYS A 1 -6.85 -1.88 -1.03
C CYS A 1 -5.60 -1.29 -1.64
N SER A 2 -5.56 0.01 -1.74
CA SER A 2 -4.47 0.69 -2.34
C SER A 2 -3.73 1.50 -1.30
N TYR A 3 -2.54 1.86 -1.63
CA TYR A 3 -1.66 2.63 -0.82
C TYR A 3 -1.19 3.83 -1.61
N THR A 4 -0.99 4.92 -0.96
CA THR A 4 -0.57 6.10 -1.64
C THR A 4 0.79 6.55 -1.13
N CYS A 5 1.73 6.66 -2.04
CA CYS A 5 3.03 7.13 -1.71
C CYS A 5 3.34 8.28 -2.63
N DPR A 6 3.10 9.52 -2.18
CA DPR A 6 3.20 10.70 -3.03
CB DPR A 6 2.72 11.82 -2.10
CG DPR A 6 3.01 11.33 -0.73
CD DPR A 6 2.73 9.87 -0.79
C DPR A 6 2.26 10.57 -4.24
O DPR A 6 1.06 10.27 -4.09
HA DPR A 6 4.21 10.88 -3.35
HB2 DPR A 6 1.66 11.95 -2.25
HB3 DPR A 6 3.24 12.75 -2.32
HG2 DPR A 6 2.37 11.82 -0.03
HG3 DPR A 6 4.05 11.51 -0.49
HD2 DPR A 6 1.68 9.67 -0.61
HD3 DPR A 6 3.34 9.35 -0.08
N PRO A 7 2.78 10.72 -5.46
CA PRO A 7 1.99 10.56 -6.67
C PRO A 7 1.92 9.09 -7.13
N GLN A 8 2.51 8.21 -6.36
CA GLN A 8 2.52 6.79 -6.67
C GLN A 8 1.34 6.10 -5.99
N THR A 9 0.47 5.57 -6.79
CA THR A 9 -0.65 4.81 -6.28
C THR A 9 -0.29 3.34 -6.36
N TYR A 10 -0.13 2.76 -5.22
CA TYR A 10 0.35 1.43 -5.09
C TYR A 10 -0.82 0.48 -4.84
N THR A 11 -1.06 -0.39 -5.74
CA THR A 11 -2.09 -1.37 -5.59
C THR A 11 -1.49 -2.59 -4.91
N PHE A 12 -2.10 -3.01 -3.85
CA PHE A 12 -1.57 -4.12 -3.11
C PHE A 12 -2.44 -5.35 -3.37
N PRO A 13 -1.82 -6.49 -3.75
CA PRO A 13 -2.55 -7.73 -4.07
C PRO A 13 -3.44 -8.24 -2.92
N THR A 14 -2.85 -8.45 -1.77
CA THR A 14 -3.55 -8.97 -0.63
C THR A 14 -3.83 -7.87 0.40
N CYS A 15 -5.07 -7.65 0.70
CA CYS A 15 -5.45 -6.57 1.61
C CYS A 15 -4.96 -6.83 3.04
N GLU A 16 -4.89 -8.10 3.42
CA GLU A 16 -4.37 -8.48 4.74
C GLU A 16 -2.94 -8.01 4.89
N GLU A 17 -2.17 -8.14 3.82
CA GLU A 17 -0.80 -7.73 3.82
C GLU A 17 -0.66 -6.23 3.61
N ALA A 18 -1.60 -5.64 2.89
CA ALA A 18 -1.62 -4.19 2.64
C ALA A 18 -1.69 -3.41 3.96
N LYS A 19 -2.40 -3.97 4.91
CA LYS A 19 -2.56 -3.37 6.22
C LYS A 19 -1.51 -3.88 7.20
N LYS A 20 -0.71 -4.82 6.75
CA LYS A 20 0.31 -5.43 7.56
C LYS A 20 1.66 -4.81 7.25
N MET A 21 2.00 -4.82 5.99
CA MET A 21 3.26 -4.30 5.50
C MET A 21 3.19 -2.79 5.48
N LYS A 22 3.90 -2.18 6.37
CA LYS A 22 3.90 -0.76 6.50
C LYS A 22 4.97 -0.14 5.61
N LYS A 23 4.55 0.75 4.78
CA LYS A 23 5.41 1.44 3.86
C LYS A 23 5.56 2.88 4.33
N ARG A 24 6.64 3.52 3.94
CA ARG A 24 6.88 4.88 4.34
C ARG A 24 7.50 5.61 3.16
N CYS A 25 7.23 6.87 3.04
CA CYS A 25 7.69 7.65 1.92
C CYS A 25 8.63 8.73 2.40
N CYS A 1 -7.54 -1.69 0.19
CA CYS A 1 -6.14 -1.42 0.42
C CYS A 1 -5.48 -0.67 -0.71
N SER A 2 -5.53 0.62 -0.62
CA SER A 2 -4.89 1.48 -1.54
C SER A 2 -4.10 2.46 -0.73
N TYR A 3 -3.02 2.88 -1.27
CA TYR A 3 -2.12 3.75 -0.58
C TYR A 3 -1.52 4.72 -1.59
N THR A 4 -0.93 5.79 -1.14
CA THR A 4 -0.34 6.74 -2.04
C THR A 4 1.08 7.09 -1.61
N CYS A 5 2.02 6.84 -2.47
CA CYS A 5 3.39 7.23 -2.26
C CYS A 5 3.75 8.24 -3.33
N DPR A 6 3.64 9.55 -3.01
CA DPR A 6 3.87 10.63 -3.97
CB DPR A 6 3.52 11.88 -3.18
CG DPR A 6 3.76 11.50 -1.77
CD DPR A 6 3.35 10.08 -1.66
C DPR A 6 2.92 10.51 -5.19
O DPR A 6 1.70 10.58 -5.03
HA DPR A 6 4.89 10.67 -4.30
HB2 DPR A 6 2.48 12.10 -3.33
HB3 DPR A 6 4.14 12.71 -3.48
HG2 DPR A 6 3.17 12.12 -1.11
HG3 DPR A 6 4.82 11.61 -1.53
HD2 DPR A 6 2.29 10.00 -1.45
HD3 DPR A 6 3.93 9.59 -0.90
N PRO A 7 3.47 10.32 -6.40
CA PRO A 7 2.67 10.18 -7.61
C PRO A 7 2.23 8.73 -7.87
N GLN A 8 2.70 7.82 -7.03
CA GLN A 8 2.45 6.41 -7.19
C GLN A 8 1.26 6.00 -6.37
N THR A 9 0.22 5.59 -7.02
CA THR A 9 -0.91 5.04 -6.33
C THR A 9 -0.57 3.60 -6.04
N TYR A 10 -0.35 3.32 -4.81
CA TYR A 10 0.16 2.07 -4.40
C TYR A 10 -0.95 1.08 -4.17
N THR A 11 -1.02 0.13 -5.03
CA THR A 11 -1.97 -0.94 -4.93
C THR A 11 -1.22 -2.22 -4.65
N PHE A 12 -1.54 -2.83 -3.55
CA PHE A 12 -0.85 -4.00 -3.13
C PHE A 12 -1.75 -5.21 -3.41
N PRO A 13 -1.17 -6.33 -3.90
CA PRO A 13 -1.90 -7.57 -4.26
C PRO A 13 -2.92 -8.02 -3.20
N THR A 14 -2.47 -8.35 -2.02
CA THR A 14 -3.36 -8.80 -0.98
C THR A 14 -3.57 -7.68 0.02
N CYS A 15 -4.81 -7.38 0.31
CA CYS A 15 -5.15 -6.33 1.24
C CYS A 15 -4.70 -6.68 2.66
N GLU A 16 -4.84 -7.94 3.06
CA GLU A 16 -4.44 -8.35 4.42
C GLU A 16 -2.95 -8.26 4.63
N GLU A 17 -2.23 -8.48 3.56
CA GLU A 17 -0.80 -8.35 3.57
C GLU A 17 -0.43 -6.88 3.63
N ALA A 18 -1.15 -6.07 2.85
CA ALA A 18 -0.94 -4.63 2.79
C ALA A 18 -1.16 -3.97 4.13
N LYS A 19 -2.04 -4.54 4.90
CA LYS A 19 -2.37 -4.06 6.22
C LYS A 19 -1.28 -4.42 7.24
N LYS A 20 -0.45 -5.38 6.90
CA LYS A 20 0.62 -5.76 7.77
C LYS A 20 1.93 -5.13 7.29
N MET A 21 2.12 -5.12 6.00
CA MET A 21 3.30 -4.55 5.37
C MET A 21 3.24 -3.03 5.48
N LYS A 22 3.94 -2.50 6.47
CA LYS A 22 3.92 -1.08 6.82
C LYS A 22 4.44 -0.20 5.68
N LYS A 23 3.93 1.01 5.60
CA LYS A 23 4.25 1.87 4.49
C LYS A 23 4.48 3.30 4.96
N ARG A 24 5.67 3.81 4.74
CA ARG A 24 5.96 5.20 5.04
C ARG A 24 5.75 5.99 3.77
N CYS A 25 5.99 5.30 2.68
CA CYS A 25 5.78 5.73 1.32
C CYS A 25 6.26 4.55 0.53
N CYS A 1 -7.18 -2.46 -1.54
CA CYS A 1 -6.40 -1.62 -0.67
C CYS A 1 -5.19 -1.06 -1.40
N SER A 2 -5.32 0.18 -1.86
CA SER A 2 -4.25 0.87 -2.50
C SER A 2 -3.97 2.17 -1.76
N TYR A 3 -2.74 2.56 -1.74
CA TYR A 3 -2.27 3.74 -1.06
C TYR A 3 -1.61 4.65 -2.10
N THR A 4 -1.48 5.90 -1.84
CA THR A 4 -0.82 6.76 -2.78
C THR A 4 0.36 7.47 -2.12
N CYS A 5 1.53 7.19 -2.63
CA CYS A 5 2.73 7.75 -2.12
C CYS A 5 3.17 8.82 -3.09
N DPR A 6 3.12 10.11 -2.68
CA DPR A 6 3.40 11.21 -3.57
CB DPR A 6 3.16 12.45 -2.70
CG DPR A 6 3.30 11.96 -1.29
CD DPR A 6 2.80 10.55 -1.31
C DPR A 6 2.40 11.19 -4.73
O DPR A 6 1.19 11.19 -4.49
HA DPR A 6 4.42 11.19 -3.94
HB2 DPR A 6 2.16 12.81 -2.88
HB3 DPR A 6 3.89 13.22 -2.92
HG2 DPR A 6 2.70 12.57 -0.63
HG3 DPR A 6 4.34 11.99 -1.00
HD2 DPR A 6 1.73 10.53 -1.14
HD3 DPR A 6 3.32 9.97 -0.57
N PRO A 7 2.85 11.11 -5.97
CA PRO A 7 1.97 11.02 -7.11
C PRO A 7 1.74 9.57 -7.56
N GLN A 8 2.39 8.63 -6.92
CA GLN A 8 2.35 7.25 -7.36
C GLN A 8 1.45 6.42 -6.47
N THR A 9 0.59 5.67 -7.07
CA THR A 9 -0.32 4.85 -6.35
C THR A 9 0.27 3.48 -6.10
N TYR A 10 0.55 3.26 -4.85
CA TYR A 10 1.09 2.07 -4.31
C TYR A 10 -0.06 1.08 -4.13
N THR A 11 -0.15 0.20 -5.05
CA THR A 11 -1.17 -0.80 -5.02
C THR A 11 -0.64 -2.05 -4.31
N PHE A 12 -1.51 -2.73 -3.59
CA PHE A 12 -1.08 -3.90 -2.89
C PHE A 12 -2.04 -5.05 -3.23
N PRO A 13 -1.50 -6.22 -3.57
CA PRO A 13 -2.29 -7.41 -3.92
C PRO A 13 -3.27 -7.88 -2.80
N THR A 14 -2.72 -8.22 -1.65
CA THR A 14 -3.52 -8.74 -0.57
C THR A 14 -3.67 -7.70 0.53
N CYS A 15 -4.88 -7.30 0.82
CA CYS A 15 -5.12 -6.28 1.81
C CYS A 15 -4.82 -6.80 3.22
N GLU A 16 -4.90 -8.11 3.36
CA GLU A 16 -4.65 -8.80 4.61
C GLU A 16 -3.21 -8.56 5.02
N GLU A 17 -2.34 -8.60 4.04
CA GLU A 17 -0.96 -8.39 4.28
C GLU A 17 -0.63 -6.91 4.21
N ALA A 18 -1.39 -6.13 3.43
CA ALA A 18 -1.17 -4.67 3.29
C ALA A 18 -1.25 -3.95 4.64
N LYS A 19 -2.11 -4.43 5.50
CA LYS A 19 -2.27 -3.84 6.82
C LYS A 19 -1.21 -4.34 7.81
N LYS A 20 -0.40 -5.28 7.39
CA LYS A 20 0.68 -5.81 8.21
C LYS A 20 2.02 -5.31 7.63
N MET A 21 2.16 -5.40 6.34
CA MET A 21 3.29 -4.87 5.62
C MET A 21 2.99 -3.41 5.38
N LYS A 22 3.23 -2.65 6.42
CA LYS A 22 2.97 -1.25 6.46
C LYS A 22 3.75 -0.44 5.43
N LYS A 23 3.29 0.76 5.19
CA LYS A 23 3.77 1.60 4.12
C LYS A 23 5.23 2.02 4.30
N ARG A 24 5.79 2.40 3.20
CA ARG A 24 7.12 2.92 3.10
C ARG A 24 7.05 4.07 2.14
N CYS A 25 6.82 5.23 2.68
CA CYS A 25 6.62 6.39 1.87
C CYS A 25 7.34 7.56 2.47
N CYS A 1 -7.33 -2.91 -1.48
CA CYS A 1 -6.37 -2.08 -0.77
C CYS A 1 -5.38 -1.40 -1.70
N SER A 2 -5.49 -0.10 -1.79
CA SER A 2 -4.57 0.70 -2.52
C SER A 2 -4.20 1.89 -1.65
N TYR A 3 -3.02 2.34 -1.82
CA TYR A 3 -2.46 3.40 -1.04
C TYR A 3 -1.79 4.42 -1.95
N THR A 4 -1.91 5.66 -1.61
CA THR A 4 -1.33 6.72 -2.37
C THR A 4 -0.07 7.23 -1.68
N CYS A 5 1.03 7.11 -2.36
CA CYS A 5 2.31 7.54 -1.86
C CYS A 5 2.81 8.67 -2.72
N DPR A 6 2.52 9.92 -2.34
CA DPR A 6 2.83 11.09 -3.17
CB DPR A 6 2.12 12.22 -2.43
CG DPR A 6 2.14 11.79 -1.01
CD DPR A 6 1.92 10.32 -1.05
C DPR A 6 2.23 10.92 -4.58
O DPR A 6 1.01 10.75 -4.73
HA DPR A 6 3.89 11.27 -3.23
HB2 DPR A 6 1.12 12.29 -2.80
HB3 DPR A 6 2.65 13.15 -2.58
HG2 DPR A 6 1.34 12.27 -0.47
HG3 DPR A 6 3.10 12.02 -0.57
HD2 DPR A 6 0.86 10.08 -1.03
HD3 DPR A 6 2.42 9.84 -0.22
N PRO A 7 3.07 10.92 -5.62
CA PRO A 7 2.61 10.73 -6.99
C PRO A 7 2.54 9.24 -7.38
N GLN A 8 2.88 8.38 -6.45
CA GLN A 8 2.89 6.94 -6.69
C GLN A 8 1.64 6.31 -6.17
N THR A 9 1.15 5.36 -6.89
CA THR A 9 0.02 4.61 -6.47
C THR A 9 0.52 3.24 -6.09
N TYR A 10 0.30 2.89 -4.87
CA TYR A 10 0.77 1.68 -4.35
C TYR A 10 -0.40 0.78 -4.07
N THR A 11 -0.65 -0.12 -4.94
CA THR A 11 -1.70 -1.04 -4.76
C THR A 11 -1.09 -2.37 -4.35
N PHE A 12 -1.73 -3.07 -3.44
CA PHE A 12 -1.15 -4.26 -2.92
C PHE A 12 -2.09 -5.43 -3.22
N PRO A 13 -1.56 -6.60 -3.60
CA PRO A 13 -2.37 -7.79 -3.92
C PRO A 13 -3.26 -8.24 -2.75
N THR A 14 -2.66 -8.50 -1.62
CA THR A 14 -3.40 -8.97 -0.48
C THR A 14 -3.79 -7.82 0.46
N CYS A 15 -5.06 -7.48 0.44
CA CYS A 15 -5.62 -6.37 1.20
C CYS A 15 -5.50 -6.65 2.71
N GLU A 16 -5.50 -7.91 3.05
CA GLU A 16 -5.36 -8.34 4.43
C GLU A 16 -3.95 -8.05 4.94
N GLU A 17 -2.99 -8.23 4.08
CA GLU A 17 -1.59 -8.05 4.45
C GLU A 17 -1.11 -6.63 4.18
N ALA A 18 -1.87 -5.89 3.39
CA ALA A 18 -1.55 -4.49 3.05
C ALA A 18 -1.44 -3.61 4.29
N LYS A 19 -2.18 -3.97 5.33
CA LYS A 19 -2.14 -3.24 6.59
C LYS A 19 -0.96 -3.69 7.45
N LYS A 20 -0.32 -4.77 7.08
CA LYS A 20 0.80 -5.29 7.81
C LYS A 20 2.09 -4.83 7.13
N MET A 21 2.04 -4.78 5.81
CA MET A 21 3.12 -4.33 4.98
C MET A 21 3.53 -2.94 5.33
N LYS A 22 4.75 -2.82 5.78
CA LYS A 22 5.31 -1.56 6.15
C LYS A 22 5.55 -0.75 4.89
N LYS A 23 4.98 0.41 4.87
CA LYS A 23 5.08 1.29 3.74
C LYS A 23 6.03 2.42 4.07
N ARG A 24 6.72 2.88 3.08
CA ARG A 24 7.74 3.86 3.29
C ARG A 24 7.43 5.10 2.48
N CYS A 25 6.70 5.99 3.10
CA CYS A 25 6.30 7.23 2.51
C CYS A 25 6.22 8.27 3.60
N CYS A 1 -7.74 -2.30 -0.06
CA CYS A 1 -6.35 -2.07 0.33
C CYS A 1 -5.53 -1.51 -0.82
N SER A 2 -5.40 -0.20 -0.85
CA SER A 2 -4.64 0.47 -1.86
C SER A 2 -3.47 1.17 -1.19
N TYR A 3 -2.47 1.49 -1.92
CA TYR A 3 -1.29 2.10 -1.36
C TYR A 3 -1.00 3.40 -2.10
N THR A 4 -0.34 4.29 -1.46
CA THR A 4 0.05 5.52 -2.09
C THR A 4 1.50 5.80 -1.76
N CYS A 5 2.30 5.96 -2.78
CA CYS A 5 3.70 6.24 -2.66
C CYS A 5 3.93 7.65 -3.15
N DPR A 6 3.96 8.62 -2.21
CA DPR A 6 4.03 10.04 -2.55
CB DPR A 6 3.99 10.73 -1.18
CG DPR A 6 4.47 9.71 -0.23
CD DPR A 6 3.95 8.41 -0.74
C DPR A 6 2.78 10.43 -3.36
O DPR A 6 1.65 10.24 -2.90
HA DPR A 6 4.93 10.29 -3.08
HB2 DPR A 6 2.96 10.98 -0.97
HB3 DPR A 6 4.61 11.61 -1.17
HG2 DPR A 6 4.06 9.90 0.76
HG3 DPR A 6 5.54 9.70 -0.19
HD2 DPR A 6 2.96 8.22 -0.38
HD3 DPR A 6 4.62 7.62 -0.46
N PRO A 7 2.97 10.93 -4.60
CA PRO A 7 1.85 11.28 -5.48
C PRO A 7 1.42 10.10 -6.37
N GLN A 8 2.05 8.97 -6.21
CA GLN A 8 1.78 7.79 -7.02
C GLN A 8 0.87 6.81 -6.31
N THR A 9 -0.24 6.51 -6.93
CA THR A 9 -1.15 5.54 -6.38
C THR A 9 -0.63 4.16 -6.75
N TYR A 10 -0.64 3.26 -5.81
CA TYR A 10 -0.10 1.95 -6.02
C TYR A 10 -1.11 0.91 -5.56
N THR A 11 -1.10 -0.23 -6.17
CA THR A 11 -2.04 -1.26 -5.83
C THR A 11 -1.32 -2.38 -5.11
N PHE A 12 -1.75 -2.68 -3.92
CA PHE A 12 -1.12 -3.70 -3.16
C PHE A 12 -1.84 -5.01 -3.47
N PRO A 13 -1.10 -6.09 -3.78
CA PRO A 13 -1.67 -7.38 -4.16
C PRO A 13 -2.64 -7.95 -3.10
N THR A 14 -2.17 -8.16 -1.90
CA THR A 14 -2.94 -8.74 -0.84
C THR A 14 -3.38 -7.71 0.20
N CYS A 15 -4.66 -7.70 0.50
CA CYS A 15 -5.23 -6.74 1.43
C CYS A 15 -4.78 -7.06 2.86
N GLU A 16 -4.55 -8.35 3.11
CA GLU A 16 -4.06 -8.82 4.41
C GLU A 16 -2.75 -8.13 4.75
N GLU A 17 -1.80 -8.28 3.85
CA GLU A 17 -0.48 -7.74 4.02
C GLU A 17 -0.48 -6.23 3.91
N ALA A 18 -1.34 -5.69 3.07
CA ALA A 18 -1.45 -4.25 2.91
C ALA A 18 -1.81 -3.57 4.22
N LYS A 19 -2.61 -4.24 5.03
CA LYS A 19 -3.01 -3.70 6.33
C LYS A 19 -1.89 -3.87 7.34
N LYS A 20 -0.95 -4.75 7.04
CA LYS A 20 0.17 -5.02 7.92
C LYS A 20 1.34 -4.13 7.54
N MET A 21 1.46 -3.85 6.27
CA MET A 21 2.54 -3.06 5.72
C MET A 21 2.37 -1.59 6.02
N LYS A 22 3.19 -1.11 6.92
CA LYS A 22 3.27 0.29 7.25
C LYS A 22 3.95 0.98 6.08
N LYS A 23 3.57 2.20 5.79
CA LYS A 23 4.05 2.81 4.57
C LYS A 23 5.55 3.12 4.62
N ARG A 24 6.26 2.65 3.62
CA ARG A 24 7.69 2.83 3.53
C ARG A 24 7.98 3.96 2.55
N CYS A 25 7.03 4.23 1.73
CA CYS A 25 7.07 5.34 0.82
C CYS A 25 5.92 6.19 1.18
N CYS A 1 -7.40 -3.44 -2.49
CA CYS A 1 -6.90 -2.44 -1.56
C CYS A 1 -5.70 -1.73 -2.14
N SER A 2 -5.64 -0.45 -1.95
CA SER A 2 -4.61 0.35 -2.49
C SER A 2 -3.84 1.07 -1.40
N TYR A 3 -2.59 1.27 -1.65
CA TYR A 3 -1.68 1.95 -0.79
C TYR A 3 -1.24 3.21 -1.54
N THR A 4 -0.72 4.17 -0.86
CA THR A 4 -0.26 5.36 -1.52
C THR A 4 1.21 5.56 -1.23
N CYS A 5 2.00 5.59 -2.26
CA CYS A 5 3.41 5.81 -2.14
C CYS A 5 3.68 7.24 -2.59
N DPR A 6 3.71 8.19 -1.64
CA DPR A 6 3.81 9.60 -1.97
CB DPR A 6 3.64 10.28 -0.62
CG DPR A 6 4.07 9.27 0.38
CD DPR A 6 3.68 7.96 -0.19
C DPR A 6 2.66 10.02 -2.90
O DPR A 6 1.49 9.96 -2.50
HA DPR A 6 4.77 9.86 -2.40
HB2 DPR A 6 2.59 10.51 -0.50
HB3 DPR A 6 4.23 11.18 -0.57
HG2 DPR A 6 3.57 9.45 1.33
HG3 DPR A 6 5.14 9.33 0.50
HD2 DPR A 6 2.68 7.68 0.14
HD3 DPR A 6 4.40 7.21 0.11
N PRO A 7 2.96 10.42 -4.14
CA PRO A 7 1.94 10.78 -5.11
C PRO A 7 1.50 9.58 -5.99
N GLN A 8 2.10 8.43 -5.75
CA GLN A 8 1.83 7.25 -6.53
C GLN A 8 0.77 6.39 -5.89
N THR A 9 -0.24 6.08 -6.64
CA THR A 9 -1.26 5.19 -6.18
C THR A 9 -0.77 3.77 -6.44
N TYR A 10 -0.67 3.02 -5.39
CA TYR A 10 -0.08 1.73 -5.47
C TYR A 10 -1.13 0.67 -5.20
N THR A 11 -1.29 -0.24 -6.11
CA THR A 11 -2.23 -1.31 -5.94
C THR A 11 -1.55 -2.46 -5.23
N PHE A 12 -2.12 -2.91 -4.15
CA PHE A 12 -1.49 -3.93 -3.38
C PHE A 12 -2.18 -5.27 -3.62
N PRO A 13 -1.40 -6.36 -3.78
CA PRO A 13 -1.93 -7.71 -4.02
C PRO A 13 -2.91 -8.17 -2.92
N THR A 14 -2.43 -8.31 -1.72
CA THR A 14 -3.22 -8.77 -0.62
C THR A 14 -3.57 -7.63 0.33
N CYS A 15 -4.83 -7.48 0.63
CA CYS A 15 -5.28 -6.38 1.46
C CYS A 15 -4.78 -6.51 2.90
N GLU A 16 -4.69 -7.73 3.39
CA GLU A 16 -4.20 -7.98 4.75
C GLU A 16 -2.75 -7.50 4.88
N GLU A 17 -1.96 -7.76 3.86
CA GLU A 17 -0.57 -7.36 3.84
C GLU A 17 -0.45 -5.88 3.51
N ALA A 18 -1.44 -5.33 2.84
CA ALA A 18 -1.49 -3.89 2.56
C ALA A 18 -1.57 -3.10 3.85
N LYS A 19 -2.19 -3.71 4.84
CA LYS A 19 -2.32 -3.12 6.16
C LYS A 19 -1.05 -3.38 6.99
N LYS A 20 -0.22 -4.28 6.49
CA LYS A 20 1.03 -4.64 7.14
C LYS A 20 2.11 -3.68 6.65
N MET A 21 2.01 -3.34 5.38
CA MET A 21 2.87 -2.39 4.70
C MET A 21 2.93 -1.08 5.45
N LYS A 22 4.06 -0.82 6.08
CA LYS A 22 4.26 0.41 6.81
C LYS A 22 4.20 1.59 5.86
N LYS A 23 3.66 2.68 6.32
CA LYS A 23 3.56 3.87 5.51
C LYS A 23 4.90 4.59 5.45
N ARG A 24 5.68 4.21 4.47
CA ARG A 24 6.98 4.77 4.22
C ARG A 24 7.22 4.69 2.73
N CYS A 25 7.15 3.45 2.23
CA CYS A 25 7.38 3.09 0.85
C CYS A 25 8.87 3.16 0.55
N CYS A 1 -7.85 -1.89 0.17
CA CYS A 1 -6.45 -1.60 0.47
C CYS A 1 -5.76 -0.83 -0.65
N SER A 2 -5.81 0.47 -0.56
CA SER A 2 -5.15 1.35 -1.48
C SER A 2 -4.12 2.13 -0.71
N TYR A 3 -3.06 2.49 -1.37
CA TYR A 3 -2.01 3.23 -0.76
C TYR A 3 -1.47 4.24 -1.78
N THR A 4 -0.78 5.24 -1.33
CA THR A 4 -0.21 6.22 -2.22
C THR A 4 1.20 6.53 -1.74
N CYS A 5 2.15 6.49 -2.63
CA CYS A 5 3.50 6.82 -2.31
C CYS A 5 3.94 7.96 -3.21
N DPR A 6 3.80 9.22 -2.71
CA DPR A 6 4.15 10.43 -3.48
CB DPR A 6 3.74 11.56 -2.54
CG DPR A 6 3.84 10.96 -1.19
CD DPR A 6 3.32 9.57 -1.36
C DPR A 6 3.35 10.53 -4.79
O DPR A 6 2.11 10.62 -4.76
HA DPR A 6 5.21 10.48 -3.70
HB2 DPR A 6 2.72 11.82 -2.77
HB3 DPR A 6 4.39 12.41 -2.66
HG2 DPR A 6 3.21 11.51 -0.50
HG3 DPR A 6 4.86 10.96 -0.86
HD2 DPR A 6 2.25 9.54 -1.31
HD3 DPR A 6 3.76 8.94 -0.60
N PRO A 7 4.03 10.50 -5.94
CA PRO A 7 3.38 10.60 -7.24
C PRO A 7 2.89 9.24 -7.76
N GLN A 8 3.06 8.21 -6.97
CA GLN A 8 2.66 6.88 -7.34
C GLN A 8 1.50 6.42 -6.50
N THR A 9 0.51 5.88 -7.12
CA THR A 9 -0.52 5.26 -6.38
C THR A 9 -0.09 3.80 -6.21
N TYR A 10 -0.49 3.20 -5.15
CA TYR A 10 -0.02 1.90 -4.85
C TYR A 10 -1.20 1.00 -4.51
N THR A 11 -1.21 -0.16 -5.07
CA THR A 11 -2.23 -1.13 -4.81
C THR A 11 -1.54 -2.45 -4.50
N PHE A 12 -1.97 -3.10 -3.45
CA PHE A 12 -1.31 -4.29 -3.01
C PHE A 12 -2.23 -5.51 -3.24
N PRO A 13 -1.67 -6.63 -3.74
CA PRO A 13 -2.44 -7.86 -4.05
C PRO A 13 -3.33 -8.35 -2.89
N THR A 14 -2.73 -8.61 -1.76
CA THR A 14 -3.43 -9.11 -0.62
C THR A 14 -3.72 -7.99 0.38
N CYS A 15 -4.99 -7.63 0.54
CA CYS A 15 -5.40 -6.54 1.43
C CYS A 15 -4.98 -6.82 2.90
N GLU A 16 -4.99 -8.10 3.28
CA GLU A 16 -4.56 -8.50 4.62
C GLU A 16 -3.08 -8.14 4.85
N GLU A 17 -2.28 -8.34 3.84
CA GLU A 17 -0.87 -8.10 3.93
C GLU A 17 -0.52 -6.67 3.57
N ALA A 18 -1.43 -5.98 2.93
CA ALA A 18 -1.24 -4.57 2.58
C ALA A 18 -1.16 -3.74 3.85
N LYS A 19 -1.84 -4.21 4.84
CA LYS A 19 -1.87 -3.61 6.14
C LYS A 19 -0.80 -4.22 7.04
N LYS A 20 -0.13 -5.23 6.52
CA LYS A 20 0.91 -5.92 7.26
C LYS A 20 2.26 -5.35 6.84
N MET A 21 2.46 -5.26 5.53
CA MET A 21 3.64 -4.66 4.96
C MET A 21 3.42 -3.16 4.92
N LYS A 22 3.68 -2.55 6.03
CA LYS A 22 3.44 -1.16 6.19
C LYS A 22 4.60 -0.34 5.71
N LYS A 23 4.33 0.49 4.77
CA LYS A 23 5.29 1.39 4.23
C LYS A 23 4.83 2.81 4.49
N ARG A 24 5.75 3.72 4.45
CA ARG A 24 5.47 5.09 4.77
C ARG A 24 6.11 6.00 3.73
N CYS A 25 5.31 6.73 3.06
CA CYS A 25 5.74 7.66 2.07
C CYS A 25 5.14 9.00 2.39
N CYS A 1 -6.99 -3.06 -2.84
CA CYS A 1 -6.54 -2.19 -1.77
C CYS A 1 -5.23 -1.50 -2.14
N SER A 2 -5.25 -0.18 -2.11
CA SER A 2 -4.11 0.61 -2.49
C SER A 2 -3.83 1.74 -1.49
N TYR A 3 -2.59 2.10 -1.43
CA TYR A 3 -2.07 3.20 -0.65
C TYR A 3 -1.59 4.27 -1.65
N THR A 4 -1.28 5.44 -1.22
CA THR A 4 -0.76 6.44 -2.10
C THR A 4 0.56 6.99 -1.57
N CYS A 5 1.60 6.79 -2.32
CA CYS A 5 2.90 7.25 -1.95
C CYS A 5 3.20 8.45 -2.83
N DPR A 6 3.17 9.67 -2.25
CA DPR A 6 3.29 10.89 -3.03
CB DPR A 6 3.16 12.00 -1.98
CG DPR A 6 3.53 11.35 -0.69
CD DPR A 6 3.05 9.94 -0.81
C DPR A 6 2.12 10.97 -4.02
O DPR A 6 0.96 10.88 -3.63
HA DPR A 6 4.24 10.95 -3.54
HB2 DPR A 6 2.13 12.32 -1.95
HB3 DPR A 6 3.81 12.82 -2.22
HG2 DPR A 6 3.04 11.84 0.13
HG3 DPR A 6 4.60 11.37 -0.58
HD2 DPR A 6 2.02 9.85 -0.49
HD3 DPR A 6 3.69 9.29 -0.22
N PRO A 7 2.41 11.11 -5.31
CA PRO A 7 1.37 11.14 -6.32
C PRO A 7 1.09 9.75 -6.92
N GLN A 8 1.85 8.75 -6.50
CA GLN A 8 1.79 7.42 -7.08
C GLN A 8 1.02 6.48 -6.18
N THR A 9 0.04 5.80 -6.72
CA THR A 9 -0.70 4.88 -5.94
C THR A 9 0.02 3.53 -5.89
N TYR A 10 0.04 2.99 -4.72
CA TYR A 10 0.70 1.78 -4.37
C TYR A 10 -0.35 0.71 -4.17
N THR A 11 -0.52 -0.12 -5.13
CA THR A 11 -1.47 -1.19 -5.07
C THR A 11 -0.83 -2.42 -4.47
N PHE A 12 -1.55 -3.11 -3.63
CA PHE A 12 -1.02 -4.24 -2.94
C PHE A 12 -1.83 -5.47 -3.33
N PRO A 13 -1.19 -6.63 -3.54
CA PRO A 13 -1.89 -7.87 -3.90
C PRO A 13 -2.84 -8.37 -2.77
N THR A 14 -2.27 -8.62 -1.63
CA THR A 14 -2.97 -9.11 -0.49
C THR A 14 -3.48 -7.95 0.39
N CYS A 15 -4.77 -7.68 0.30
CA CYS A 15 -5.37 -6.57 1.03
C CYS A 15 -5.18 -6.70 2.55
N GLU A 16 -5.27 -7.92 3.07
CA GLU A 16 -5.09 -8.14 4.49
C GLU A 16 -3.66 -7.79 4.91
N GLU A 17 -2.71 -8.18 4.09
CA GLU A 17 -1.32 -7.94 4.34
C GLU A 17 -0.99 -6.46 4.14
N ALA A 18 -1.77 -5.79 3.29
CA ALA A 18 -1.59 -4.36 2.98
C ALA A 18 -1.61 -3.48 4.23
N LYS A 19 -2.39 -3.85 5.23
CA LYS A 19 -2.45 -3.05 6.45
C LYS A 19 -1.39 -3.48 7.46
N LYS A 20 -0.74 -4.59 7.19
CA LYS A 20 0.31 -5.08 8.05
C LYS A 20 1.65 -4.58 7.52
N MET A 21 1.71 -4.48 6.20
CA MET A 21 2.85 -3.98 5.49
C MET A 21 3.03 -2.54 5.84
N LYS A 22 4.18 -2.24 6.31
CA LYS A 22 4.50 -0.90 6.67
C LYS A 22 4.66 -0.06 5.44
N LYS A 23 3.86 0.99 5.36
CA LYS A 23 3.96 1.94 4.28
C LYS A 23 5.35 2.55 4.31
N ARG A 24 5.99 2.60 3.18
CA ARG A 24 7.34 3.04 3.13
C ARG A 24 7.53 3.97 1.96
N CYS A 25 7.72 5.22 2.28
CA CYS A 25 7.98 6.23 1.31
C CYS A 25 9.21 6.97 1.75
N CYS A 1 -7.20 -2.78 -1.30
CA CYS A 1 -6.26 -1.99 -0.53
C CYS A 1 -5.31 -1.20 -1.44
N SER A 2 -5.59 0.08 -1.57
CA SER A 2 -4.73 0.95 -2.31
C SER A 2 -3.97 1.84 -1.35
N TYR A 3 -2.74 2.04 -1.63
CA TYR A 3 -1.84 2.79 -0.79
C TYR A 3 -1.38 4.04 -1.56
N THR A 4 -0.96 5.04 -0.85
CA THR A 4 -0.48 6.25 -1.44
C THR A 4 1.04 6.37 -1.26
N CYS A 5 1.74 6.16 -2.34
CA CYS A 5 3.19 6.22 -2.41
C CYS A 5 3.57 7.51 -3.11
N DPR A 6 3.90 8.57 -2.35
CA DPR A 6 4.12 9.90 -2.91
CB DPR A 6 4.34 10.77 -1.67
CG DPR A 6 4.88 9.82 -0.66
CD DPR A 6 4.12 8.55 -0.88
C DPR A 6 2.86 10.36 -3.68
O DPR A 6 1.76 10.40 -3.11
HA DPR A 6 4.99 9.92 -3.55
HB2 DPR A 6 3.38 11.16 -1.35
HB3 DPR A 6 5.02 11.58 -1.89
HG2 DPR A 6 4.69 10.20 0.34
HG3 DPR A 6 5.93 9.67 -0.83
HD2 DPR A 6 3.19 8.55 -0.34
HD3 DPR A 6 4.73 7.71 -0.58
N PRO A 7 2.99 10.68 -4.96
CA PRO A 7 1.85 11.04 -5.79
C PRO A 7 1.23 9.81 -6.50
N GLN A 8 1.80 8.65 -6.27
CA GLN A 8 1.39 7.44 -6.96
C GLN A 8 0.48 6.60 -6.08
N THR A 9 -0.52 6.05 -6.69
CA THR A 9 -1.38 5.13 -6.01
C THR A 9 -0.82 3.74 -6.20
N TYR A 10 -0.43 3.17 -5.11
CA TYR A 10 0.24 1.94 -5.07
C TYR A 10 -0.76 0.88 -4.64
N THR A 11 -1.12 0.03 -5.53
CA THR A 11 -2.03 -1.01 -5.19
C THR A 11 -1.23 -2.18 -4.69
N PHE A 12 -1.47 -2.55 -3.48
CA PHE A 12 -0.71 -3.57 -2.85
C PHE A 12 -1.30 -4.93 -3.22
N PRO A 13 -0.43 -5.91 -3.60
CA PRO A 13 -0.85 -7.26 -4.02
C PRO A 13 -1.86 -7.92 -3.07
N THR A 14 -1.46 -8.05 -1.83
CA THR A 14 -2.29 -8.64 -0.82
C THR A 14 -2.93 -7.55 0.05
N CYS A 15 -4.23 -7.45 -0.01
CA CYS A 15 -4.97 -6.45 0.75
C CYS A 15 -4.80 -6.70 2.26
N GLU A 16 -4.69 -7.98 2.66
CA GLU A 16 -4.43 -8.31 4.06
C GLU A 16 -3.13 -7.71 4.52
N GLU A 17 -2.10 -7.87 3.71
CA GLU A 17 -0.80 -7.42 4.08
C GLU A 17 -0.64 -5.93 3.92
N ALA A 18 -1.46 -5.32 3.08
CA ALA A 18 -1.44 -3.86 2.92
C ALA A 18 -1.80 -3.16 4.23
N LYS A 19 -2.58 -3.84 5.03
CA LYS A 19 -2.97 -3.35 6.33
C LYS A 19 -1.88 -3.64 7.38
N LYS A 20 -1.02 -4.58 7.05
CA LYS A 20 0.11 -4.99 7.90
C LYS A 20 1.32 -4.10 7.57
N MET A 21 1.40 -3.77 6.29
CA MET A 21 2.41 -2.98 5.64
C MET A 21 2.88 -1.80 6.46
N LYS A 22 4.14 -1.80 6.75
CA LYS A 22 4.78 -0.64 7.33
C LYS A 22 4.90 0.39 6.21
N LYS A 23 4.31 1.54 6.42
CA LYS A 23 4.19 2.50 5.34
C LYS A 23 5.50 3.21 5.03
N ARG A 24 5.61 3.55 3.77
CA ARG A 24 6.70 4.26 3.14
C ARG A 24 6.40 4.22 1.65
N CYS A 25 6.52 3.02 1.10
CA CYS A 25 6.20 2.67 -0.28
C CYS A 25 6.86 1.33 -0.57
N CYS A 1 -7.75 -2.12 -1.68
CA CYS A 1 -6.77 -1.63 -0.74
C CYS A 1 -5.59 -1.05 -1.48
N SER A 2 -5.61 0.25 -1.60
CA SER A 2 -4.57 0.99 -2.22
C SER A 2 -3.99 1.97 -1.22
N TYR A 3 -2.77 2.27 -1.40
CA TYR A 3 -2.03 3.19 -0.59
C TYR A 3 -1.41 4.23 -1.53
N THR A 4 -1.03 5.36 -1.03
CA THR A 4 -0.46 6.37 -1.87
C THR A 4 1.01 6.62 -1.47
N CYS A 5 1.91 6.26 -2.35
CA CYS A 5 3.33 6.41 -2.14
C CYS A 5 3.84 7.53 -3.04
N DPR A 6 3.96 8.75 -2.50
CA DPR A 6 4.31 9.93 -3.28
CB DPR A 6 4.22 11.07 -2.26
CG DPR A 6 4.42 10.42 -0.96
CD DPR A 6 3.77 9.08 -1.08
C DPR A 6 3.28 10.15 -4.38
O DPR A 6 2.07 10.10 -4.12
HA DPR A 6 5.30 9.86 -3.69
HB2 DPR A 6 3.24 11.50 -2.33
HB3 DPR A 6 4.97 11.82 -2.47
HG2 DPR A 6 3.96 11.00 -0.18
HG3 DPR A 6 5.48 10.29 -0.78
HD2 DPR A 6 2.72 9.15 -0.83
HD3 DPR A 6 4.28 8.38 -0.44
N PRO A 7 3.71 10.34 -5.61
CA PRO A 7 2.80 10.55 -6.73
C PRO A 7 2.37 9.21 -7.35
N GLN A 8 2.72 8.12 -6.71
CA GLN A 8 2.43 6.81 -7.25
C GLN A 8 1.42 6.10 -6.38
N THR A 9 0.32 5.71 -6.95
CA THR A 9 -0.65 4.94 -6.26
C THR A 9 -0.16 3.51 -6.12
N TYR A 10 -0.07 3.09 -4.91
CA TYR A 10 0.44 1.82 -4.56
C TYR A 10 -0.71 0.86 -4.32
N THR A 11 -0.97 0.05 -5.27
CA THR A 11 -2.04 -0.91 -5.20
C THR A 11 -1.47 -2.21 -4.64
N PHE A 12 -2.19 -2.86 -3.76
CA PHE A 12 -1.71 -4.07 -3.19
C PHE A 12 -2.73 -5.18 -3.40
N PRO A 13 -2.31 -6.36 -3.87
CA PRO A 13 -3.21 -7.49 -4.10
C PRO A 13 -3.86 -8.04 -2.82
N THR A 14 -3.04 -8.41 -1.87
CA THR A 14 -3.47 -8.98 -0.63
C THR A 14 -3.65 -7.90 0.43
N CYS A 15 -4.87 -7.61 0.78
CA CYS A 15 -5.18 -6.52 1.66
C CYS A 15 -4.73 -6.80 3.11
N GLU A 16 -4.78 -8.06 3.50
CA GLU A 16 -4.38 -8.45 4.84
C GLU A 16 -2.87 -8.35 4.98
N GLU A 17 -2.19 -8.49 3.86
CA GLU A 17 -0.77 -8.38 3.81
C GLU A 17 -0.42 -6.89 3.80
N ALA A 18 -1.19 -6.12 3.01
CA ALA A 18 -1.05 -4.66 2.89
C ALA A 18 -1.20 -3.98 4.23
N LYS A 19 -2.04 -4.54 5.07
CA LYS A 19 -2.29 -4.04 6.40
C LYS A 19 -1.00 -4.07 7.23
N LYS A 20 -0.15 -5.05 6.94
CA LYS A 20 1.09 -5.26 7.67
C LYS A 20 2.28 -4.69 6.88
N MET A 21 2.05 -4.45 5.60
CA MET A 21 3.04 -3.96 4.68
C MET A 21 3.58 -2.61 5.10
N LYS A 22 4.82 -2.42 4.78
CA LYS A 22 5.57 -1.20 5.03
C LYS A 22 4.85 0.00 4.46
N LYS A 23 4.50 0.90 5.34
CA LYS A 23 3.85 2.12 4.96
C LYS A 23 4.74 3.27 5.32
N ARG A 24 4.31 4.46 4.94
CA ARG A 24 5.07 5.69 5.06
C ARG A 24 6.13 5.76 3.98
N CYS A 25 5.74 6.37 2.94
CA CYS A 25 6.53 6.56 1.78
C CYS A 25 6.87 8.03 1.72
#